data_9R2R
#
_entry.id   9R2R
#
_cell.length_a   101.480
_cell.length_b   88.580
_cell.length_c   65.750
_cell.angle_alpha   90.000
_cell.angle_beta   114.038
_cell.angle_gamma   90.000
#
_symmetry.space_group_name_H-M   'C 1 2 1'
#
loop_
_entity.id
_entity.type
_entity.pdbx_description
1 polymer M7r1
2 water water
#
_entity_poly.entity_id   1
_entity_poly.type   'polypeptide(L)'
_entity_poly.pdbx_seq_one_letter_code
;SQQEFLERARQYLEEARRDLTTRPYYYYVGSDSDGTTREARSREEYAKPETQEFEKRVRSLIEELKNSEDKENYEIYETD
YSWTETENGETRTHHIYFAYVKKDGKLEALLLRIESSGPLTDEETIEKTTRLLDEIYEKLESLS
;
_entity_poly.pdbx_strand_id   A,C,D,B
#
# COMPACT_ATOMS: atom_id res chain seq x y z
N SER A 1 -0.98 26.44 9.07
CA SER A 1 -1.52 25.09 8.91
C SER A 1 -1.10 24.51 7.56
N GLN A 2 -0.69 25.39 6.65
CA GLN A 2 -0.27 25.03 5.30
C GLN A 2 -1.36 24.28 4.54
N GLN A 3 -2.62 24.61 4.83
CA GLN A 3 -3.74 23.95 4.15
C GLN A 3 -3.69 24.19 2.65
N GLU A 4 -3.29 25.40 2.25
CA GLU A 4 -3.14 25.69 0.83
C GLU A 4 -2.17 24.73 0.18
N PHE A 5 -0.97 24.60 0.74
CA PHE A 5 0.01 23.64 0.25
C PHE A 5 -0.58 22.24 0.15
N LEU A 6 -1.34 21.85 1.18
CA LEU A 6 -1.93 20.51 1.19
C LEU A 6 -2.83 20.31 -0.02
N GLU A 7 -3.72 21.26 -0.28
CA GLU A 7 -4.64 21.11 -1.41
C GLU A 7 -3.90 21.16 -2.74
N ARG A 8 -2.89 22.03 -2.86
CA ARG A 8 -2.13 22.11 -4.11
C ARG A 8 -1.43 20.80 -4.40
N ALA A 9 -0.79 20.22 -3.39
CA ALA A 9 -0.08 18.97 -3.60
C ALA A 9 -1.04 17.81 -3.83
N ARG A 10 -2.21 17.83 -3.19
CA ARG A 10 -3.22 16.83 -3.48
C ARG A 10 -3.62 16.88 -4.95
N GLN A 11 -3.90 18.09 -5.46
CA GLN A 11 -4.28 18.25 -6.86
C GLN A 11 -3.15 17.81 -7.79
N TYR A 12 -1.91 18.16 -7.45
CA TYR A 12 -0.77 17.76 -8.28
C TYR A 12 -0.64 16.24 -8.32
N LEU A 13 -0.82 15.57 -7.18
CA LEU A 13 -0.74 14.11 -7.15
C LEU A 13 -1.87 13.49 -7.96
N GLU A 14 -3.08 14.04 -7.84
CA GLU A 14 -4.20 13.55 -8.64
C GLU A 14 -3.87 13.62 -10.13
N GLU A 15 -3.43 14.80 -10.59
CA GLU A 15 -3.12 14.96 -12.00
C GLU A 15 -1.96 14.06 -12.43
N ALA A 16 -0.96 13.86 -11.55
CA ALA A 16 0.15 12.98 -11.90
C ALA A 16 -0.32 11.55 -12.09
N ARG A 17 -1.12 11.04 -11.15
CA ARG A 17 -1.65 9.69 -11.32
C ARG A 17 -2.54 9.59 -12.55
N ARG A 18 -3.24 10.67 -12.90
CA ARG A 18 -4.15 10.63 -14.03
C ARG A 18 -3.41 10.63 -15.36
N ASP A 19 -2.32 11.41 -15.45
CA ASP A 19 -1.59 11.57 -16.69
C ASP A 19 -0.29 10.78 -16.73
N LEU A 20 -0.12 9.84 -15.78
CA LEU A 20 1.04 8.96 -15.76
C LEU A 20 1.33 8.39 -17.15
N THR A 21 0.29 7.92 -17.84
CA THR A 21 0.44 7.29 -19.14
C THR A 21 -0.07 8.18 -20.27
N THR A 22 -0.09 9.50 -20.07
CA THR A 22 -0.77 10.41 -21.00
C THR A 22 0.12 11.50 -21.53
N ARG A 23 0.80 12.26 -20.67
CA ARG A 23 1.53 13.45 -21.08
C ARG A 23 2.65 13.71 -20.08
N PRO A 24 3.77 14.26 -20.53
CA PRO A 24 4.80 14.71 -19.58
C PRO A 24 4.25 15.79 -18.66
N TYR A 25 4.91 15.94 -17.52
CA TYR A 25 4.48 16.93 -16.54
C TYR A 25 5.61 17.26 -15.57
N TYR A 26 5.46 18.38 -14.88
CA TYR A 26 6.43 18.82 -13.88
C TYR A 26 5.68 19.61 -12.82
N TYR A 27 5.69 19.10 -11.59
CA TYR A 27 5.01 19.74 -10.47
C TYR A 27 6.00 19.90 -9.32
N TYR A 28 6.10 21.12 -8.81
CA TYR A 28 6.89 21.40 -7.61
C TYR A 28 6.00 22.14 -6.64
N VAL A 29 6.12 21.80 -5.35
CA VAL A 29 5.42 22.57 -4.33
C VAL A 29 6.18 22.44 -3.01
N GLY A 30 6.49 23.58 -2.41
CA GLY A 30 7.31 23.59 -1.21
C GLY A 30 6.90 24.66 -0.22
N SER A 31 6.75 24.25 1.04
CA SER A 31 6.36 25.16 2.11
C SER A 31 7.26 24.95 3.31
N ASP A 32 7.45 26.01 4.07
CA ASP A 32 8.25 25.99 5.29
C ASP A 32 7.35 26.29 6.49
N SER A 33 7.99 26.42 7.66
CA SER A 33 7.26 26.69 8.89
C SER A 33 6.63 28.07 8.85
N ASP A 34 7.18 28.99 8.06
CA ASP A 34 6.59 30.31 7.91
C ASP A 34 5.31 30.25 7.08
N GLY A 35 5.09 29.18 6.32
CA GLY A 35 3.93 29.04 5.49
C GLY A 35 4.08 29.51 4.07
N THR A 36 5.28 29.96 3.68
CA THR A 36 5.51 30.46 2.33
C THR A 36 5.52 29.28 1.35
N THR A 37 4.42 29.11 0.62
CA THR A 37 4.30 28.02 -0.36
C THR A 37 4.66 28.53 -1.74
N ARG A 38 5.55 27.80 -2.41
CA ARG A 38 5.95 28.10 -3.79
C ARG A 38 5.63 26.91 -4.66
N GLU A 39 4.97 27.16 -5.78
CA GLU A 39 4.55 26.11 -6.69
C GLU A 39 5.29 26.27 -8.02
N ALA A 40 5.15 25.22 -8.85
CA ALA A 40 5.75 25.25 -10.19
C ALA A 40 5.07 24.16 -11.03
N ARG A 41 3.98 24.54 -11.71
CA ARG A 41 3.29 23.62 -12.61
C ARG A 41 4.02 23.45 -13.94
N SER A 42 4.96 24.32 -14.26
CA SER A 42 5.79 24.20 -15.45
C SER A 42 7.23 23.91 -15.04
N ARG A 43 8.02 23.48 -16.02
CA ARG A 43 9.40 23.08 -15.74
C ARG A 43 10.26 24.29 -15.37
N GLU A 44 10.31 25.29 -16.26
CA GLU A 44 11.16 26.45 -16.02
C GLU A 44 10.68 27.31 -14.87
N GLU A 45 9.52 27.00 -14.28
CA GLU A 45 9.06 27.78 -13.14
C GLU A 45 9.89 27.50 -11.90
N TYR A 46 10.41 26.28 -11.75
CA TYR A 46 11.31 25.94 -10.66
C TYR A 46 12.68 25.50 -11.13
N ALA A 47 12.88 25.30 -12.44
CA ALA A 47 14.22 25.01 -12.95
C ALA A 47 15.22 26.06 -12.52
N LYS A 48 14.76 27.28 -12.23
CA LYS A 48 15.58 28.27 -11.55
C LYS A 48 15.49 28.05 -10.04
N PRO A 49 16.56 27.57 -9.40
CA PRO A 49 16.53 27.27 -7.97
C PRO A 49 16.60 28.54 -7.11
N GLU A 55 14.34 24.86 -1.09
CA GLU A 55 14.64 23.45 -0.91
C GLU A 55 15.97 23.28 -0.16
N LYS A 56 16.80 24.33 -0.19
CA LYS A 56 18.10 24.27 0.46
C LYS A 56 17.96 24.14 1.97
N ARG A 57 17.22 25.06 2.59
CA ARG A 57 17.01 24.99 4.03
C ARG A 57 16.31 23.70 4.43
N VAL A 58 15.45 23.17 3.57
CA VAL A 58 14.73 21.94 3.87
C VAL A 58 15.71 20.79 4.08
N ARG A 59 16.55 20.53 3.07
CA ARG A 59 17.49 19.42 3.17
C ARG A 59 18.56 19.68 4.22
N SER A 60 18.95 20.93 4.42
CA SER A 60 19.92 21.24 5.46
C SER A 60 19.35 20.89 6.83
N LEU A 61 18.11 21.30 7.10
CA LEU A 61 17.47 20.95 8.37
C LEU A 61 17.29 19.45 8.50
N ILE A 62 16.96 18.77 7.41
CA ILE A 62 16.86 17.31 7.43
C ILE A 62 18.17 16.70 7.90
N GLU A 63 19.26 17.03 7.21
CA GLU A 63 20.55 16.43 7.55
C GLU A 63 20.98 16.78 8.97
N GLU A 64 20.69 18.00 9.41
CA GLU A 64 21.07 18.39 10.77
C GLU A 64 20.27 17.61 11.82
N LEU A 65 18.97 17.40 11.56
CA LEU A 65 18.13 16.67 12.51
C LEU A 65 18.40 15.17 12.48
N LYS A 66 18.95 14.65 11.39
CA LYS A 66 19.24 13.21 11.34
C LYS A 66 20.28 12.83 12.38
N ASN A 67 21.35 13.62 12.49
CA ASN A 67 22.39 13.36 13.48
C ASN A 67 22.66 14.58 14.34
N LYS A 71 15.86 19.36 18.48
CA LYS A 71 16.74 18.33 19.02
C LYS A 71 16.02 17.00 19.18
N GLU A 72 14.73 17.07 19.55
CA GLU A 72 13.94 15.88 19.84
C GLU A 72 12.52 16.08 19.31
N ASN A 73 11.69 15.07 19.53
CA ASN A 73 10.27 15.09 19.14
C ASN A 73 10.10 15.29 17.63
N TYR A 74 11.06 14.85 16.83
CA TYR A 74 11.02 15.08 15.40
C TYR A 74 10.55 13.82 14.67
N GLU A 75 9.63 14.01 13.73
CA GLU A 75 9.15 12.98 12.81
C GLU A 75 9.51 13.45 11.42
N ILE A 76 10.45 12.74 10.79
CA ILE A 76 10.97 13.10 9.46
C ILE A 76 10.68 11.96 8.50
N TYR A 77 10.22 12.28 7.30
CA TYR A 77 9.91 11.27 6.31
C TYR A 77 10.30 11.79 4.94
N GLU A 78 10.97 10.95 4.15
CA GLU A 78 11.35 11.34 2.80
C GLU A 78 11.38 10.10 1.91
N THR A 79 10.86 10.25 0.70
CA THR A 79 10.84 9.23 -0.32
C THR A 79 11.37 9.81 -1.62
N ASP A 80 12.14 9.02 -2.35
CA ASP A 80 12.73 9.48 -3.60
C ASP A 80 12.85 8.30 -4.55
N TYR A 81 12.03 8.30 -5.60
CA TYR A 81 12.08 7.29 -6.65
C TYR A 81 12.42 7.98 -7.96
N SER A 82 13.58 7.65 -8.53
CA SER A 82 14.07 8.28 -9.75
C SER A 82 14.60 7.21 -10.69
N TRP A 83 14.12 7.23 -11.94
CA TRP A 83 14.63 6.31 -12.95
C TRP A 83 14.73 7.04 -14.28
N THR A 84 15.87 6.86 -14.96
CA THR A 84 16.10 7.46 -16.25
C THR A 84 16.52 6.39 -17.24
N GLU A 85 16.14 6.58 -18.50
CA GLU A 85 16.51 5.65 -19.58
C GLU A 85 16.88 6.51 -20.78
N THR A 86 18.17 6.50 -21.13
CA THR A 86 18.67 7.21 -22.30
C THR A 86 19.02 6.18 -23.35
N GLU A 87 18.17 6.06 -24.37
CA GLU A 87 18.34 5.09 -25.44
C GLU A 87 17.83 5.71 -26.73
N ASN A 88 18.54 5.42 -27.84
CA ASN A 88 18.19 5.93 -29.16
C ASN A 88 18.18 7.45 -29.20
N GLY A 89 18.98 8.08 -28.35
CA GLY A 89 19.02 9.52 -28.24
C GLY A 89 17.95 10.13 -27.35
N GLU A 90 16.98 9.34 -26.90
CA GLU A 90 15.90 9.84 -26.05
C GLU A 90 16.24 9.58 -24.59
N THR A 91 16.21 10.62 -23.77
CA THR A 91 16.62 10.56 -22.38
C THR A 91 15.39 10.73 -21.48
N ARG A 92 14.55 9.69 -21.44
CA ARG A 92 13.31 9.74 -20.69
C ARG A 92 13.62 9.62 -19.19
N THR A 93 13.39 10.69 -18.44
CA THR A 93 13.67 10.71 -17.02
C THR A 93 12.38 10.86 -16.23
N HIS A 94 12.33 10.22 -15.06
CA HIS A 94 11.19 10.34 -14.16
C HIS A 94 11.71 10.40 -12.73
N HIS A 95 11.07 11.25 -11.93
CA HIS A 95 11.57 11.55 -10.59
C HIS A 95 10.41 11.95 -9.72
N ILE A 96 10.35 11.37 -8.51
CA ILE A 96 9.36 11.70 -7.51
C ILE A 96 10.06 11.83 -6.17
N TYR A 97 9.96 12.99 -5.54
CA TYR A 97 10.52 13.22 -4.21
C TYR A 97 9.44 13.82 -3.32
N PHE A 98 9.27 13.23 -2.14
CA PHE A 98 8.37 13.75 -1.12
C PHE A 98 9.11 13.80 0.20
N ALA A 99 8.78 14.79 1.03
CA ALA A 99 9.40 14.87 2.35
C ALA A 99 8.66 15.81 3.28
N TYR A 100 8.44 15.38 4.52
CA TYR A 100 7.91 16.25 5.56
C TYR A 100 8.71 16.11 6.84
N VAL A 101 8.97 17.26 7.46
CA VAL A 101 9.66 17.35 8.75
C VAL A 101 8.68 17.93 9.75
N LYS A 102 8.63 17.32 10.94
CA LYS A 102 7.68 17.73 11.97
C LYS A 102 8.41 17.76 13.30
N LYS A 103 8.72 18.95 13.79
CA LYS A 103 9.39 19.13 15.06
C LYS A 103 8.37 19.44 16.14
N ASP A 104 8.33 18.60 17.18
CA ASP A 104 7.45 18.77 18.33
C ASP A 104 5.99 18.90 17.90
N GLY A 105 5.59 18.02 16.99
CA GLY A 105 4.23 18.05 16.49
C GLY A 105 3.88 19.26 15.65
N LYS A 106 4.89 19.96 15.15
CA LYS A 106 4.70 21.17 14.34
C LYS A 106 5.39 20.97 12.99
N LEU A 107 4.62 21.06 11.92
CA LEU A 107 5.18 20.90 10.57
C LEU A 107 6.15 22.02 10.27
N GLU A 108 7.42 21.66 10.07
CA GLU A 108 8.48 22.64 9.82
C GLU A 108 8.78 22.84 8.35
N ALA A 109 8.57 21.82 7.51
CA ALA A 109 8.85 21.93 6.09
C ALA A 109 8.21 20.76 5.36
N LEU A 110 7.63 21.06 4.19
CA LEU A 110 7.07 20.05 3.30
C LEU A 110 7.52 20.35 1.88
N LEU A 111 7.77 19.28 1.12
CA LEU A 111 8.37 19.42 -0.21
C LEU A 111 7.88 18.29 -1.09
N LEU A 112 7.49 18.63 -2.32
CA LEU A 112 7.03 17.64 -3.29
C LEU A 112 7.55 18.00 -4.68
N ARG A 113 8.19 17.03 -5.33
CA ARG A 113 8.68 17.16 -6.70
C ARG A 113 8.20 15.96 -7.50
N ILE A 114 7.45 16.20 -8.56
CA ILE A 114 7.04 15.17 -9.49
C ILE A 114 7.50 15.59 -10.88
N GLU A 115 8.09 14.67 -11.62
CA GLU A 115 8.66 15.01 -12.92
C GLU A 115 8.58 13.80 -13.84
N SER A 116 8.02 14.02 -15.03
CA SER A 116 7.86 12.97 -16.03
C SER A 116 8.13 13.57 -17.39
N SER A 117 9.19 13.10 -18.05
CA SER A 117 9.56 13.61 -19.37
C SER A 117 8.64 13.10 -20.47
N GLY A 118 7.73 12.20 -20.17
CA GLY A 118 6.85 11.64 -21.17
C GLY A 118 6.02 10.51 -20.60
N PRO A 119 5.10 9.96 -21.41
CA PRO A 119 4.23 8.89 -20.90
C PRO A 119 5.00 7.62 -20.61
N LEU A 120 4.64 6.98 -19.51
CA LEU A 120 5.27 5.71 -19.15
C LEU A 120 4.79 4.59 -20.07
N THR A 121 5.65 3.59 -20.23
CA THR A 121 5.34 2.43 -21.06
C THR A 121 5.46 1.10 -20.34
N ASP A 122 6.28 1.02 -19.30
CA ASP A 122 6.46 -0.23 -18.56
C ASP A 122 5.31 -0.40 -17.58
N GLU A 123 4.51 -1.46 -17.76
CA GLU A 123 3.40 -1.73 -16.86
C GLU A 123 3.86 -1.84 -15.42
N GLU A 124 5.01 -2.48 -15.19
CA GLU A 124 5.54 -2.61 -13.84
C GLU A 124 5.87 -1.24 -13.26
N THR A 125 6.56 -0.39 -14.04
CA THR A 125 6.88 0.95 -13.57
C THR A 125 5.62 1.79 -13.38
N ILE A 126 4.62 1.58 -14.24
CA ILE A 126 3.35 2.29 -14.09
C ILE A 126 2.70 1.94 -12.76
N GLU A 127 2.64 0.64 -12.43
CA GLU A 127 2.04 0.22 -11.18
C GLU A 127 2.83 0.76 -9.98
N LYS A 128 4.16 0.70 -10.06
CA LYS A 128 4.97 1.20 -8.96
C LYS A 128 4.76 2.69 -8.74
N THR A 129 4.72 3.48 -9.83
CA THR A 129 4.56 4.92 -9.70
C THR A 129 3.17 5.28 -9.21
N THR A 130 2.14 4.58 -9.69
CA THR A 130 0.80 4.79 -9.17
C THR A 130 0.73 4.50 -7.68
N ARG A 131 1.32 3.38 -7.26
CA ARG A 131 1.32 3.02 -5.84
C ARG A 131 2.04 4.07 -5.00
N LEU A 132 3.17 4.58 -5.49
CA LEU A 132 3.92 5.58 -4.74
C LEU A 132 3.16 6.90 -4.65
N LEU A 133 2.55 7.34 -5.76
CA LEU A 133 1.76 8.56 -5.73
C LEU A 133 0.58 8.42 -4.77
N ASP A 134 -0.07 7.25 -4.75
CA ASP A 134 -1.16 7.02 -3.82
C ASP A 134 -0.66 7.05 -2.38
N GLU A 135 0.51 6.48 -2.11
CA GLU A 135 1.07 6.54 -0.76
C GLU A 135 1.34 7.98 -0.34
N ILE A 136 1.88 8.79 -1.25
CA ILE A 136 2.14 10.18 -0.94
C ILE A 136 0.84 10.92 -0.67
N TYR A 137 -0.21 10.62 -1.43
CA TYR A 137 -1.51 11.24 -1.21
C TYR A 137 -2.07 10.84 0.16
N GLU A 138 -1.93 9.56 0.53
CA GLU A 138 -2.44 9.10 1.82
C GLU A 138 -1.68 9.73 2.98
N LYS A 139 -0.37 9.93 2.82
CA LYS A 139 0.40 10.62 3.84
C LYS A 139 0.03 12.09 3.93
N LEU A 140 -0.24 12.71 2.78
CA LEU A 140 -0.59 14.13 2.74
C LEU A 140 -1.93 14.37 3.41
N GLU A 141 -2.88 13.45 3.23
CA GLU A 141 -4.14 13.54 3.96
C GLU A 141 -3.91 13.44 5.46
N SER A 142 -2.92 12.66 5.89
CA SER A 142 -2.62 12.54 7.31
C SER A 142 -1.92 13.78 7.85
N LEU A 143 -1.18 14.50 7.01
CA LEU A 143 -0.48 15.70 7.44
C LEU A 143 -1.39 16.92 7.59
N SER A 144 -2.71 16.74 7.52
CA SER A 144 -3.62 17.87 7.67
C SER A 144 -4.14 17.96 9.10
N SER B 1 -9.47 -10.91 26.21
CA SER B 1 -9.52 -12.07 25.34
C SER B 1 -9.44 -11.66 23.88
N GLN B 2 -10.03 -10.50 23.56
CA GLN B 2 -10.03 -10.03 22.18
C GLN B 2 -8.64 -9.53 21.77
N GLN B 3 -7.84 -9.04 22.71
CA GLN B 3 -6.47 -8.67 22.38
C GLN B 3 -5.65 -9.89 22.01
N GLU B 4 -5.75 -10.95 22.81
CA GLU B 4 -5.03 -12.18 22.51
C GLU B 4 -5.57 -12.84 21.25
N PHE B 5 -6.87 -12.73 20.99
CA PHE B 5 -7.44 -13.34 19.80
C PHE B 5 -7.01 -12.58 18.54
N LEU B 6 -6.93 -11.25 18.62
CA LEU B 6 -6.36 -10.47 17.52
C LEU B 6 -4.88 -10.79 17.33
N GLU B 7 -4.16 -11.03 18.42
CA GLU B 7 -2.76 -11.43 18.31
C GLU B 7 -2.63 -12.77 17.60
N ARG B 8 -3.52 -13.71 17.92
CA ARG B 8 -3.52 -15.00 17.24
C ARG B 8 -3.85 -14.84 15.76
N ALA B 9 -4.78 -13.95 15.43
CA ALA B 9 -5.07 -13.67 14.03
C ALA B 9 -3.86 -13.08 13.33
N ARG B 10 -3.13 -12.20 14.00
CA ARG B 10 -1.94 -11.60 13.40
C ARG B 10 -0.84 -12.63 13.20
N GLN B 11 -0.69 -13.55 14.16
CA GLN B 11 0.27 -14.64 14.00
C GLN B 11 -0.10 -15.54 12.83
N TYR B 12 -1.40 -15.83 12.68
CA TYR B 12 -1.86 -16.59 11.52
C TYR B 12 -1.52 -15.85 10.23
N LEU B 13 -1.74 -14.54 10.19
CA LEU B 13 -1.42 -13.76 8.99
C LEU B 13 0.07 -13.80 8.70
N GLU B 14 0.90 -13.69 9.74
CA GLU B 14 2.35 -13.74 9.54
C GLU B 14 2.77 -15.09 8.98
N GLU B 15 2.24 -16.18 9.54
CA GLU B 15 2.59 -17.50 9.04
C GLU B 15 2.09 -17.71 7.61
N ALA B 16 0.93 -17.15 7.28
CA ALA B 16 0.42 -17.26 5.91
C ALA B 16 1.30 -16.50 4.94
N ARG B 17 1.61 -15.24 5.27
CA ARG B 17 2.53 -14.45 4.45
C ARG B 17 3.86 -15.17 4.27
N ARG B 18 4.34 -15.83 5.33
CA ARG B 18 5.63 -16.51 5.27
C ARG B 18 5.55 -17.72 4.34
N ASP B 19 4.63 -18.64 4.62
CA ASP B 19 4.55 -19.92 3.90
C ASP B 19 3.66 -19.86 2.66
N LEU B 20 3.36 -18.65 2.17
CA LEU B 20 2.59 -18.50 0.94
C LEU B 20 3.09 -19.39 -0.19
N THR B 21 4.41 -19.49 -0.35
CA THR B 21 4.99 -20.20 -1.49
C THR B 21 5.68 -21.50 -1.10
N THR B 22 5.56 -21.94 0.15
CA THR B 22 6.26 -23.15 0.61
C THR B 22 5.33 -24.31 0.92
N ARG B 23 4.18 -24.07 1.53
CA ARG B 23 3.34 -25.16 1.98
C ARG B 23 1.89 -24.75 1.95
N PRO B 24 0.96 -25.70 1.81
CA PRO B 24 -0.46 -25.40 2.02
C PRO B 24 -0.76 -25.19 3.50
N TYR B 25 -1.86 -24.49 3.78
CA TYR B 25 -2.20 -24.19 5.16
C TYR B 25 -3.67 -23.82 5.27
N TYR B 26 -4.16 -23.87 6.51
CA TYR B 26 -5.55 -23.55 6.81
C TYR B 26 -5.61 -22.83 8.14
N TYR B 27 -6.25 -21.66 8.15
CA TYR B 27 -6.36 -20.85 9.35
C TYR B 27 -7.79 -20.34 9.48
N TYR B 28 -8.29 -20.28 10.72
CA TYR B 28 -9.64 -19.83 10.98
C TYR B 28 -9.69 -19.10 12.31
N VAL B 29 -10.24 -17.89 12.30
CA VAL B 29 -10.38 -17.05 13.49
C VAL B 29 -11.79 -16.47 13.50
N GLY B 30 -12.49 -16.62 14.61
CA GLY B 30 -13.84 -16.10 14.70
C GLY B 30 -14.21 -15.56 16.07
N SER B 31 -14.92 -14.43 16.12
CA SER B 31 -15.34 -13.82 17.37
C SER B 31 -16.75 -13.29 17.23
N ASP B 32 -17.60 -13.65 18.20
CA ASP B 32 -19.02 -13.31 18.21
C ASP B 32 -19.24 -12.07 19.07
N SER B 33 -20.51 -11.79 19.38
CA SER B 33 -20.84 -10.61 20.18
C SER B 33 -20.36 -10.77 21.62
N ASP B 34 -20.65 -11.93 22.23
CA ASP B 34 -20.17 -12.21 23.58
C ASP B 34 -18.66 -12.33 23.65
N GLY B 35 -18.00 -12.62 22.52
CA GLY B 35 -16.57 -12.79 22.47
C GLY B 35 -16.08 -14.21 22.37
N THR B 36 -16.94 -15.17 22.04
CA THR B 36 -16.54 -16.57 21.89
C THR B 36 -15.54 -16.70 20.75
N THR B 37 -14.28 -17.03 21.08
CA THR B 37 -13.21 -17.06 20.11
C THR B 37 -13.01 -18.49 19.62
N ARG B 38 -13.21 -18.69 18.32
CA ARG B 38 -12.96 -19.97 17.67
C ARG B 38 -11.66 -19.86 16.88
N GLU B 39 -10.73 -20.76 17.17
CA GLU B 39 -9.38 -20.72 16.61
C GLU B 39 -9.08 -22.07 15.95
N ALA B 40 -8.44 -22.01 14.78
CA ALA B 40 -8.12 -23.22 14.04
C ALA B 40 -6.85 -23.00 13.24
N ARG B 41 -5.85 -23.85 13.47
CA ARG B 41 -4.57 -23.78 12.78
C ARG B 41 -4.37 -24.91 11.78
N SER B 42 -5.21 -25.95 11.81
CA SER B 42 -5.07 -27.11 10.95
C SER B 42 -6.31 -27.27 10.08
N ARG B 43 -6.23 -28.19 9.13
CA ARG B 43 -7.35 -28.45 8.24
C ARG B 43 -8.45 -29.24 8.95
N GLU B 44 -8.10 -30.02 9.97
CA GLU B 44 -9.12 -30.80 10.68
C GLU B 44 -10.13 -29.89 11.36
N GLU B 45 -9.65 -28.87 12.07
CA GLU B 45 -10.55 -27.95 12.74
C GLU B 45 -11.12 -26.91 11.78
N TYR B 46 -10.36 -26.55 10.74
CA TYR B 46 -10.87 -25.59 9.76
C TYR B 46 -12.04 -26.16 8.97
N ALA B 47 -11.94 -27.42 8.58
CA ALA B 47 -12.99 -28.08 7.81
C ALA B 47 -14.19 -28.46 8.67
N LYS B 48 -14.15 -28.21 9.97
CA LYS B 48 -15.31 -28.46 10.80
C LYS B 48 -16.47 -27.59 10.32
N PRO B 49 -17.70 -28.13 10.30
CA PRO B 49 -18.83 -27.34 9.80
C PRO B 49 -19.07 -26.04 10.57
N GLU B 50 -18.59 -25.95 11.81
CA GLU B 50 -18.82 -24.75 12.60
C GLU B 50 -18.22 -23.51 11.95
N THR B 51 -17.07 -23.68 11.28
CA THR B 51 -16.43 -22.53 10.62
C THR B 51 -17.32 -21.98 9.50
N GLN B 52 -17.82 -22.87 8.64
CA GLN B 52 -18.66 -22.41 7.54
C GLN B 52 -20.01 -21.90 8.04
N GLU B 53 -20.56 -22.49 9.11
CA GLU B 53 -21.80 -21.98 9.66
C GLU B 53 -21.60 -20.59 10.26
N PHE B 54 -20.47 -20.37 10.92
CA PHE B 54 -20.18 -19.05 11.46
C PHE B 54 -19.96 -18.04 10.34
N GLU B 55 -19.34 -18.46 9.23
CA GLU B 55 -19.19 -17.59 8.09
C GLU B 55 -20.56 -17.21 7.52
N LYS B 56 -21.46 -18.19 7.40
CA LYS B 56 -22.80 -17.90 6.92
C LYS B 56 -23.53 -16.94 7.85
N ARG B 57 -23.36 -17.12 9.16
CA ARG B 57 -24.02 -16.23 10.12
C ARG B 57 -23.47 -14.80 10.02
N VAL B 58 -22.15 -14.66 9.90
CA VAL B 58 -21.56 -13.33 9.77
C VAL B 58 -22.03 -12.66 8.48
N ARG B 59 -22.05 -13.42 7.38
CA ARG B 59 -22.50 -12.84 6.12
C ARG B 59 -23.97 -12.48 6.16
N SER B 60 -24.79 -13.26 6.87
CA SER B 60 -26.20 -12.93 7.01
C SER B 60 -26.38 -11.66 7.84
N LEU B 61 -25.59 -11.51 8.91
CA LEU B 61 -25.62 -10.27 9.67
C LEU B 61 -25.24 -9.08 8.79
N ILE B 62 -24.19 -9.25 7.98
CA ILE B 62 -23.76 -8.18 7.09
C ILE B 62 -24.88 -7.82 6.11
N GLU B 63 -25.48 -8.83 5.49
CA GLU B 63 -26.55 -8.59 4.53
C GLU B 63 -27.73 -7.88 5.17
N GLU B 64 -28.17 -8.35 6.34
CA GLU B 64 -29.30 -7.73 7.01
C GLU B 64 -28.98 -6.34 7.53
N LEU B 65 -27.69 -6.02 7.69
CA LEU B 65 -27.30 -4.68 8.09
C LEU B 65 -27.07 -3.74 6.91
N LYS B 66 -27.08 -4.25 5.68
CA LYS B 66 -26.89 -3.41 4.50
C LYS B 66 -28.07 -2.46 4.32
N ASN B 73 -25.65 3.04 13.59
CA ASN B 73 -24.27 3.02 13.11
C ASN B 73 -23.79 1.58 12.91
N TYR B 74 -23.17 1.31 11.77
CA TYR B 74 -22.75 -0.06 11.43
C TYR B 74 -21.55 0.05 10.47
N GLU B 75 -20.35 0.03 11.06
CA GLU B 75 -19.12 -0.02 10.27
C GLU B 75 -18.84 -1.48 9.91
N ILE B 76 -18.99 -1.83 8.64
CA ILE B 76 -18.89 -3.20 8.16
C ILE B 76 -17.86 -3.25 7.04
N TYR B 77 -16.80 -4.03 7.24
CA TYR B 77 -15.82 -4.24 6.19
C TYR B 77 -15.72 -5.73 5.87
N GLU B 78 -15.50 -6.04 4.60
CA GLU B 78 -15.53 -7.42 4.12
C GLU B 78 -14.71 -7.51 2.84
N THR B 79 -13.73 -8.42 2.83
CA THR B 79 -12.89 -8.69 1.67
C THR B 79 -12.86 -10.18 1.40
N ASP B 80 -12.92 -10.54 0.12
CA ASP B 80 -12.94 -11.94 -0.31
C ASP B 80 -12.08 -12.07 -1.56
N TYR B 81 -11.20 -13.07 -1.56
CA TYR B 81 -10.30 -13.30 -2.69
C TYR B 81 -10.07 -14.80 -2.82
N SER B 82 -10.70 -15.41 -3.81
CA SER B 82 -10.64 -16.86 -4.01
C SER B 82 -10.31 -17.15 -5.46
N TRP B 83 -9.34 -18.03 -5.68
CA TRP B 83 -8.96 -18.41 -7.03
C TRP B 83 -8.65 -19.90 -7.08
N THR B 84 -8.66 -20.43 -8.31
CA THR B 84 -8.45 -21.86 -8.53
C THR B 84 -7.91 -22.06 -9.94
N GLU B 85 -6.81 -22.80 -10.06
CA GLU B 85 -6.27 -23.14 -11.37
C GLU B 85 -5.66 -24.53 -11.30
N THR B 86 -6.18 -25.44 -12.12
CA THR B 86 -5.68 -26.82 -12.16
C THR B 86 -4.28 -26.87 -12.76
N THR B 91 -5.77 -28.78 -9.43
CA THR B 91 -6.74 -28.08 -8.59
C THR B 91 -6.05 -27.31 -7.47
N ARG B 92 -5.65 -26.08 -7.76
CA ARG B 92 -4.96 -25.21 -6.80
C ARG B 92 -5.99 -24.23 -6.26
N THR B 93 -6.69 -24.64 -5.20
CA THR B 93 -7.76 -23.84 -4.61
C THR B 93 -7.19 -22.98 -3.48
N HIS B 94 -7.42 -21.67 -3.57
CA HIS B 94 -7.03 -20.73 -2.53
C HIS B 94 -8.18 -19.79 -2.25
N HIS B 95 -8.31 -19.39 -0.98
CA HIS B 95 -9.47 -18.61 -0.54
C HIS B 95 -9.10 -17.82 0.71
N ILE B 96 -9.25 -16.50 0.65
CA ILE B 96 -9.03 -15.63 1.79
C ILE B 96 -10.29 -14.82 2.01
N TYR B 97 -10.78 -14.79 3.24
CA TYR B 97 -11.96 -14.01 3.59
C TYR B 97 -11.70 -13.30 4.91
N PHE B 98 -12.09 -12.02 4.97
CA PHE B 98 -11.98 -11.25 6.19
C PHE B 98 -13.19 -10.35 6.33
N ALA B 99 -13.67 -10.17 7.55
CA ALA B 99 -14.84 -9.34 7.76
C ALA B 99 -14.89 -8.89 9.22
N TYR B 100 -15.31 -7.64 9.42
CA TYR B 100 -15.62 -7.16 10.76
C TYR B 100 -16.84 -6.27 10.71
N VAL B 101 -17.63 -6.32 11.78
CA VAL B 101 -18.83 -5.50 11.89
C VAL B 101 -18.78 -4.65 13.15
N GLU B 108 -17.88 -6.06 17.48
CA GLU B 108 -19.13 -6.81 17.60
C GLU B 108 -18.98 -8.22 17.04
N ALA B 109 -18.50 -8.32 15.80
CA ALA B 109 -18.31 -9.61 15.15
C ALA B 109 -17.10 -9.53 14.24
N LEU B 110 -16.28 -10.58 14.26
CA LEU B 110 -15.06 -10.63 13.47
C LEU B 110 -14.87 -12.04 12.92
N LEU B 111 -14.39 -12.12 11.68
CA LEU B 111 -14.16 -13.40 11.02
C LEU B 111 -12.98 -13.30 10.08
N LEU B 112 -12.17 -14.35 10.06
CA LEU B 112 -11.02 -14.45 9.17
C LEU B 112 -10.81 -15.92 8.80
N ARG B 113 -10.75 -16.21 7.50
CA ARG B 113 -10.50 -17.56 7.01
C ARG B 113 -9.41 -17.50 5.94
N ILE B 114 -8.42 -18.37 6.09
CA ILE B 114 -7.33 -18.50 5.12
C ILE B 114 -7.26 -19.96 4.71
N GLU B 115 -7.23 -20.20 3.40
CA GLU B 115 -7.23 -21.56 2.87
C GLU B 115 -6.29 -21.59 1.67
N SER B 116 -5.30 -22.47 1.72
CA SER B 116 -4.37 -22.66 0.62
C SER B 116 -4.10 -24.15 0.50
N SER B 117 -4.49 -24.74 -0.63
CA SER B 117 -4.30 -26.15 -0.89
C SER B 117 -2.96 -26.45 -1.54
N GLY B 118 -2.04 -25.48 -1.57
CA GLY B 118 -0.75 -25.68 -2.16
C GLY B 118 0.00 -24.38 -2.29
N PRO B 119 1.32 -24.45 -2.46
CA PRO B 119 2.13 -23.24 -2.62
C PRO B 119 1.74 -22.48 -3.89
N LEU B 120 2.11 -21.21 -3.91
CA LEU B 120 1.83 -20.33 -5.03
C LEU B 120 3.01 -20.28 -5.98
N THR B 121 2.74 -20.34 -7.28
CA THR B 121 3.76 -20.28 -8.30
C THR B 121 3.65 -19.07 -9.21
N ASP B 122 2.51 -18.38 -9.22
CA ASP B 122 2.33 -17.19 -10.04
C ASP B 122 2.74 -15.97 -9.22
N GLU B 123 3.82 -15.30 -9.66
CA GLU B 123 4.35 -14.17 -8.91
C GLU B 123 3.33 -13.06 -8.76
N GLU B 124 2.50 -12.83 -9.77
CA GLU B 124 1.45 -11.81 -9.67
C GLU B 124 0.48 -12.17 -8.55
N THR B 125 0.05 -13.43 -8.50
CA THR B 125 -0.83 -13.87 -7.43
C THR B 125 -0.14 -13.78 -6.08
N ILE B 126 1.16 -14.05 -6.04
CA ILE B 126 1.92 -13.94 -4.79
C ILE B 126 1.88 -12.50 -4.29
N GLU B 127 2.16 -11.54 -5.17
CA GLU B 127 2.13 -10.14 -4.79
C GLU B 127 0.74 -9.72 -4.32
N LYS B 128 -0.29 -10.12 -5.06
CA LYS B 128 -1.65 -9.77 -4.68
C LYS B 128 -2.00 -10.31 -3.29
N THR B 129 -1.71 -11.60 -3.06
CA THR B 129 -2.06 -12.22 -1.79
C THR B 129 -1.25 -11.62 -0.64
N THR B 130 0.02 -11.30 -0.87
CA THR B 130 0.83 -10.68 0.17
C THR B 130 0.27 -9.31 0.53
N ARG B 131 -0.09 -8.51 -0.47
CA ARG B 131 -0.66 -7.20 -0.19
C ARG B 131 -1.99 -7.32 0.55
N LEU B 132 -2.80 -8.31 0.18
CA LEU B 132 -4.07 -8.52 0.87
C LEU B 132 -3.85 -8.91 2.34
N LEU B 133 -2.89 -9.81 2.59
CA LEU B 133 -2.61 -10.22 3.97
C LEU B 133 -2.09 -9.04 4.79
N ASP B 134 -1.23 -8.22 4.21
CA ASP B 134 -0.74 -7.04 4.92
C ASP B 134 -1.88 -6.06 5.19
N GLU B 135 -2.81 -5.92 4.24
CA GLU B 135 -3.98 -5.06 4.46
C GLU B 135 -4.83 -5.59 5.61
N ILE B 136 -5.01 -6.91 5.68
CA ILE B 136 -5.74 -7.50 6.79
C ILE B 136 -5.03 -7.25 8.12
N TYR B 137 -3.69 -7.33 8.10
CA TYR B 137 -2.92 -7.08 9.32
C TYR B 137 -3.12 -5.64 9.80
N GLU B 138 -3.05 -4.68 8.87
CA GLU B 138 -3.24 -3.29 9.23
C GLU B 138 -4.65 -3.03 9.73
N LYS B 139 -5.66 -3.60 9.06
CA LYS B 139 -7.03 -3.47 9.53
C LYS B 139 -7.21 -4.09 10.92
N LEU B 140 -6.51 -5.18 11.21
CA LEU B 140 -6.58 -5.79 12.53
C LEU B 140 -6.01 -4.86 13.58
N GLU B 141 -4.83 -4.28 13.30
CA GLU B 141 -4.26 -3.31 14.24
C GLU B 141 -5.19 -2.12 14.43
N SER B 142 -5.92 -1.73 13.38
CA SER B 142 -6.85 -0.61 13.49
C SER B 142 -7.97 -0.88 14.50
N LEU B 143 -8.18 -2.14 14.88
CA LEU B 143 -9.21 -2.50 15.84
C LEU B 143 -8.63 -2.82 17.21
N SER B 144 -7.72 -1.97 17.70
CA SER B 144 -7.12 -2.17 19.01
C SER B 144 -7.80 -1.31 20.07
N SER C 1 -8.15 -5.47 -20.43
CA SER C 1 -9.47 -6.09 -20.41
C SER C 1 -10.41 -5.33 -21.31
N GLN C 2 -11.07 -4.33 -20.74
CA GLN C 2 -11.99 -3.46 -21.48
C GLN C 2 -11.65 -2.02 -21.16
N GLN C 3 -11.15 -1.30 -22.15
CA GLN C 3 -10.66 0.06 -21.91
C GLN C 3 -11.78 1.00 -21.50
N GLU C 4 -13.01 0.75 -21.94
CA GLU C 4 -14.12 1.61 -21.57
C GLU C 4 -14.35 1.58 -20.06
N PHE C 5 -14.55 0.38 -19.51
CA PHE C 5 -14.72 0.25 -18.07
C PHE C 5 -13.51 0.77 -17.32
N LEU C 6 -12.31 0.49 -17.83
CA LEU C 6 -11.09 0.95 -17.16
C LEU C 6 -11.08 2.46 -17.03
N GLU C 7 -11.27 3.17 -18.14
CA GLU C 7 -11.27 4.63 -18.11
C GLU C 7 -12.37 5.16 -17.20
N ARG C 8 -13.58 4.60 -17.32
CA ARG C 8 -14.71 5.12 -16.55
C ARG C 8 -14.50 4.92 -15.06
N ALA C 9 -14.04 3.72 -14.66
CA ALA C 9 -13.86 3.44 -13.24
C ALA C 9 -12.67 4.20 -12.67
N ARG C 10 -11.60 4.37 -13.45
CA ARG C 10 -10.48 5.18 -12.99
C ARG C 10 -10.91 6.63 -12.77
N GLN C 11 -11.69 7.18 -13.71
CA GLN C 11 -12.19 8.54 -13.54
C GLN C 11 -13.11 8.66 -12.33
N TYR C 12 -13.98 7.67 -12.14
CA TYR C 12 -14.89 7.70 -11.00
C TYR C 12 -14.11 7.64 -9.69
N LEU C 13 -13.06 6.81 -9.63
CA LEU C 13 -12.24 6.74 -8.41
C LEU C 13 -11.49 8.04 -8.18
N GLU C 14 -10.97 8.65 -9.26
CA GLU C 14 -10.31 9.95 -9.12
C GLU C 14 -11.26 10.99 -8.55
N GLU C 15 -12.48 11.06 -9.08
CA GLU C 15 -13.44 12.04 -8.60
C GLU C 15 -13.92 11.72 -7.19
N ALA C 16 -13.97 10.44 -6.82
CA ALA C 16 -14.41 10.07 -5.48
C ALA C 16 -13.34 10.41 -4.45
N ARG C 17 -12.06 10.24 -4.80
CA ARG C 17 -11.00 10.62 -3.88
C ARG C 17 -10.84 12.13 -3.80
N ARG C 18 -11.07 12.84 -4.92
CA ARG C 18 -10.96 14.29 -4.90
C ARG C 18 -12.10 14.92 -4.11
N ASP C 19 -13.33 14.53 -4.41
CA ASP C 19 -14.53 15.07 -3.76
C ASP C 19 -14.94 14.28 -2.52
N LEU C 20 -13.98 13.75 -1.78
CA LEU C 20 -14.31 12.89 -0.64
C LEU C 20 -14.94 13.69 0.49
N THR C 21 -14.25 14.73 0.96
CA THR C 21 -14.71 15.52 2.08
C THR C 21 -15.57 16.71 1.67
N THR C 22 -15.92 16.82 0.39
CA THR C 22 -16.68 17.97 -0.09
C THR C 22 -18.18 17.71 -0.04
N ARG C 23 -18.67 16.77 -0.84
CA ARG C 23 -20.11 16.59 -1.01
C ARG C 23 -20.42 15.12 -1.22
N PRO C 24 -21.61 14.66 -0.77
CA PRO C 24 -22.06 13.31 -1.13
C PRO C 24 -22.04 13.05 -2.63
N TYR C 25 -22.02 11.78 -3.03
CA TYR C 25 -21.92 11.44 -4.44
C TYR C 25 -22.35 10.00 -4.65
N TYR C 26 -22.57 9.64 -5.92
CA TYR C 26 -22.83 8.27 -6.32
C TYR C 26 -22.14 7.97 -7.64
N TYR C 27 -21.50 6.81 -7.72
CA TYR C 27 -20.82 6.35 -8.92
C TYR C 27 -21.07 4.86 -9.10
N TYR C 28 -21.25 4.44 -10.34
CA TYR C 28 -21.44 3.03 -10.64
C TYR C 28 -20.90 2.73 -12.03
N VAL C 29 -20.31 1.54 -12.17
CA VAL C 29 -19.89 1.03 -13.48
C VAL C 29 -19.88 -0.49 -13.43
N GLY C 30 -20.47 -1.11 -14.44
CA GLY C 30 -20.53 -2.56 -14.49
C GLY C 30 -20.18 -3.06 -15.88
N SER C 31 -19.60 -4.26 -15.91
CA SER C 31 -19.21 -4.91 -17.17
C SER C 31 -19.48 -6.40 -17.08
N ASP C 32 -19.79 -6.99 -18.23
CA ASP C 32 -20.09 -8.41 -18.33
C ASP C 32 -19.00 -9.11 -19.14
N SER C 33 -19.24 -10.38 -19.48
CA SER C 33 -18.20 -11.20 -20.12
C SER C 33 -17.93 -10.72 -21.55
N ASP C 34 -18.99 -10.41 -22.30
CA ASP C 34 -18.83 -10.07 -23.71
C ASP C 34 -18.04 -8.79 -23.92
N GLY C 35 -17.90 -7.97 -22.89
CA GLY C 35 -17.27 -6.68 -23.05
C GLY C 35 -18.29 -5.58 -23.27
N THR C 36 -19.40 -5.64 -22.55
CA THR C 36 -20.45 -4.64 -22.62
C THR C 36 -20.58 -3.96 -21.26
N THR C 37 -20.53 -2.63 -21.25
CA THR C 37 -20.52 -1.87 -20.01
C THR C 37 -21.79 -1.04 -19.85
N ARG C 38 -22.08 -0.73 -18.59
CA ARG C 38 -23.20 0.14 -18.21
C ARG C 38 -22.74 1.02 -17.06
N GLU C 39 -22.85 2.33 -17.25
CA GLU C 39 -22.38 3.32 -16.30
C GLU C 39 -23.56 4.08 -15.69
N ALA C 40 -23.27 4.76 -14.58
CA ALA C 40 -24.28 5.56 -13.88
C ALA C 40 -23.63 6.76 -13.22
N TYR C 46 -30.02 4.64 -9.07
CA TYR C 46 -30.43 4.30 -10.43
C TYR C 46 -31.51 3.21 -10.43
N ALA C 47 -31.19 2.07 -9.79
CA ALA C 47 -32.09 0.94 -9.63
C ALA C 47 -32.71 0.47 -10.94
N LYS C 48 -32.06 0.76 -12.07
CA LYS C 48 -32.55 0.30 -13.36
C LYS C 48 -32.59 -1.22 -13.37
N PRO C 49 -33.75 -1.85 -13.50
CA PRO C 49 -33.81 -3.32 -13.37
C PRO C 49 -32.93 -4.06 -14.36
N GLU C 50 -32.59 -3.44 -15.49
CA GLU C 50 -31.63 -4.04 -16.41
C GLU C 50 -30.27 -4.19 -15.75
N THR C 51 -29.70 -3.08 -15.27
CA THR C 51 -28.41 -3.12 -14.60
C THR C 51 -28.48 -3.92 -13.31
N GLN C 52 -29.61 -3.86 -12.61
CA GLN C 52 -29.77 -4.62 -11.37
C GLN C 52 -29.71 -6.11 -11.64
N GLU C 53 -30.38 -6.58 -12.70
CA GLU C 53 -30.34 -7.99 -13.03
C GLU C 53 -29.00 -8.39 -13.64
N PHE C 54 -28.31 -7.45 -14.29
CA PHE C 54 -26.95 -7.72 -14.73
C PHE C 54 -26.04 -7.98 -13.52
N GLU C 55 -26.17 -7.15 -12.48
CA GLU C 55 -25.38 -7.38 -11.27
C GLU C 55 -25.83 -8.66 -10.55
N LYS C 56 -27.12 -8.99 -10.64
CA LYS C 56 -27.61 -10.24 -10.10
C LYS C 56 -26.98 -11.44 -10.82
N ARG C 57 -26.87 -11.35 -12.14
CA ARG C 57 -26.19 -12.39 -12.90
C ARG C 57 -24.72 -12.49 -12.53
N VAL C 58 -24.09 -11.34 -12.26
CA VAL C 58 -22.70 -11.35 -11.79
C VAL C 58 -22.59 -12.12 -10.49
N ARG C 59 -23.46 -11.81 -9.52
CA ARG C 59 -23.46 -12.53 -8.26
C ARG C 59 -23.74 -14.01 -8.46
N SER C 60 -24.61 -14.34 -9.43
CA SER C 60 -24.92 -15.73 -9.71
C SER C 60 -23.69 -16.46 -10.21
N LEU C 61 -22.94 -15.85 -11.13
CA LEU C 61 -21.69 -16.45 -11.60
C LEU C 61 -20.70 -16.63 -10.45
N ILE C 62 -20.59 -15.61 -9.59
CA ILE C 62 -19.70 -15.71 -8.43
C ILE C 62 -20.05 -16.93 -7.59
N GLU C 63 -21.33 -17.06 -7.23
CA GLU C 63 -21.74 -18.18 -6.37
C GLU C 63 -21.64 -19.51 -7.09
N GLU C 64 -21.79 -19.53 -8.42
CA GLU C 64 -21.62 -20.77 -9.17
C GLU C 64 -20.17 -21.23 -9.12
N LEU C 65 -19.22 -20.30 -9.23
CA LEU C 65 -17.82 -20.70 -9.21
C LEU C 65 -17.40 -21.21 -7.84
N LYS C 66 -17.99 -20.66 -6.77
CA LYS C 66 -17.65 -21.07 -5.41
C LYS C 66 -18.11 -22.50 -5.13
N TYR C 74 -10.60 -19.99 -12.08
CA TYR C 74 -11.18 -18.67 -11.90
C TYR C 74 -10.38 -17.84 -10.89
N GLU C 75 -10.75 -16.56 -10.75
CA GLU C 75 -10.11 -15.66 -9.80
C GLU C 75 -11.11 -14.59 -9.44
N ILE C 76 -11.65 -14.65 -8.22
CA ILE C 76 -12.70 -13.75 -7.77
C ILE C 76 -12.16 -12.87 -6.66
N TYR C 77 -12.41 -11.56 -6.75
CA TYR C 77 -12.06 -10.63 -5.70
C TYR C 77 -13.25 -9.70 -5.45
N GLU C 78 -13.48 -9.38 -4.19
CA GLU C 78 -14.62 -8.55 -3.80
C GLU C 78 -14.27 -7.83 -2.50
N THR C 79 -14.38 -6.51 -2.50
CA THR C 79 -14.18 -5.70 -1.32
C THR C 79 -15.40 -4.81 -1.11
N ASP C 80 -15.76 -4.61 0.16
CA ASP C 80 -16.96 -3.86 0.52
C ASP C 80 -16.74 -3.20 1.87
N TYR C 81 -16.86 -1.87 1.91
CA TYR C 81 -16.75 -1.10 3.13
C TYR C 81 -18.01 -0.28 3.31
N SER C 82 -18.50 -0.20 4.55
CA SER C 82 -19.73 0.49 4.87
C SER C 82 -19.57 1.25 6.18
N TRP C 83 -20.17 2.43 6.25
CA TRP C 83 -20.05 3.28 7.43
C TRP C 83 -21.34 4.08 7.59
N THR C 84 -21.67 4.40 8.84
CA THR C 84 -22.87 5.18 9.14
C THR C 84 -22.70 5.97 10.42
N THR C 93 -23.88 7.84 5.95
CA THR C 93 -23.76 6.54 5.33
C THR C 93 -22.86 6.59 4.09
N HIS C 94 -21.93 5.63 4.01
CA HIS C 94 -20.97 5.55 2.92
C HIS C 94 -20.74 4.08 2.60
N HIS C 95 -20.74 3.76 1.32
CA HIS C 95 -20.65 2.37 0.87
C HIS C 95 -19.75 2.29 -0.36
N ILE C 96 -18.62 1.60 -0.22
CA ILE C 96 -17.72 1.33 -1.33
C ILE C 96 -17.77 -0.16 -1.62
N TYR C 97 -17.93 -0.50 -2.90
CA TYR C 97 -17.96 -1.91 -3.31
C TYR C 97 -17.22 -2.05 -4.62
N PHE C 98 -16.36 -3.07 -4.69
CA PHE C 98 -15.62 -3.38 -5.91
C PHE C 98 -15.54 -4.89 -6.04
N ALA C 99 -15.62 -5.39 -7.28
CA ALA C 99 -15.60 -6.83 -7.48
C ALA C 99 -15.17 -7.14 -8.90
N TYR C 100 -14.35 -8.18 -9.05
CA TYR C 100 -13.98 -8.66 -10.37
C TYR C 100 -13.89 -10.18 -10.37
N VAL C 101 -14.33 -10.78 -11.48
CA VAL C 101 -14.32 -12.23 -11.67
C VAL C 101 -13.56 -12.53 -12.95
N LYS C 102 -12.58 -13.42 -12.85
CA LYS C 102 -11.73 -13.81 -13.97
C LYS C 102 -11.97 -15.28 -14.28
N LYS C 103 -12.23 -15.58 -15.55
CA LYS C 103 -12.51 -16.93 -16.00
C LYS C 103 -11.44 -17.36 -17.01
N ASP C 104 -10.58 -18.29 -16.60
CA ASP C 104 -9.56 -18.86 -17.48
C ASP C 104 -8.63 -17.81 -18.06
N GLY C 105 -8.39 -16.73 -17.32
CA GLY C 105 -7.52 -15.66 -17.74
C GLY C 105 -8.24 -14.48 -18.38
N LYS C 106 -9.39 -14.72 -18.99
CA LYS C 106 -10.17 -13.65 -19.63
C LYS C 106 -11.16 -13.11 -18.60
N LEU C 107 -10.93 -11.88 -18.15
CA LEU C 107 -11.82 -11.25 -17.20
C LEU C 107 -13.21 -11.09 -17.80
N GLU C 108 -14.24 -11.34 -16.98
CA GLU C 108 -15.61 -11.26 -17.45
C GLU C 108 -16.38 -10.17 -16.70
N ALA C 109 -16.97 -10.53 -15.57
CA ALA C 109 -17.80 -9.59 -14.83
C ALA C 109 -16.94 -8.63 -14.01
N LEU C 110 -17.35 -7.36 -13.98
CA LEU C 110 -16.67 -6.32 -13.24
C LEU C 110 -17.72 -5.38 -12.64
N LEU C 111 -17.49 -4.93 -11.41
CA LEU C 111 -18.45 -4.07 -10.73
C LEU C 111 -17.71 -3.06 -9.85
N LEU C 112 -18.13 -1.79 -9.92
CA LEU C 112 -17.65 -0.76 -9.02
C LEU C 112 -18.82 0.14 -8.64
N ARG C 113 -18.98 0.40 -7.35
CA ARG C 113 -20.10 1.17 -6.84
C ARG C 113 -19.65 1.97 -5.63
N ILE C 114 -19.69 3.30 -5.74
CA ILE C 114 -19.26 4.20 -4.68
C ILE C 114 -20.46 5.04 -4.27
N GLU C 115 -20.67 5.17 -2.96
CA GLU C 115 -21.80 5.93 -2.43
C GLU C 115 -21.34 6.71 -1.22
N SER C 116 -21.67 8.00 -1.19
CA SER C 116 -21.45 8.85 -0.03
C SER C 116 -22.69 9.71 0.15
N SER C 117 -23.19 9.80 1.39
CA SER C 117 -24.36 10.59 1.70
C SER C 117 -24.04 11.88 2.44
N GLY C 118 -22.75 12.21 2.59
CA GLY C 118 -22.34 13.41 3.25
C GLY C 118 -20.83 13.55 3.29
N PRO C 119 -20.34 14.76 3.55
CA PRO C 119 -18.89 14.96 3.68
C PRO C 119 -18.34 14.15 4.83
N LEU C 120 -17.14 13.62 4.64
CA LEU C 120 -16.49 12.81 5.67
C LEU C 120 -15.99 13.71 6.79
N THR C 121 -16.52 13.51 8.00
CA THR C 121 -16.13 14.29 9.16
C THR C 121 -15.07 13.62 10.02
N ASP C 122 -14.96 12.29 9.96
CA ASP C 122 -13.97 11.56 10.74
C ASP C 122 -12.71 11.40 9.92
N GLU C 123 -11.61 11.98 10.42
CA GLU C 123 -10.35 11.96 9.68
C GLU C 123 -9.83 10.54 9.50
N GLU C 124 -9.99 9.69 10.51
CA GLU C 124 -9.60 8.29 10.37
C GLU C 124 -10.42 7.61 9.28
N THR C 125 -11.72 7.91 9.21
CA THR C 125 -12.54 7.38 8.13
C THR C 125 -12.09 7.93 6.78
N ILE C 126 -11.67 9.20 6.76
CA ILE C 126 -11.13 9.78 5.53
C ILE C 126 -9.94 8.97 5.04
N GLU C 127 -8.98 8.72 5.92
CA GLU C 127 -7.79 7.97 5.54
C GLU C 127 -8.14 6.55 5.10
N LYS C 128 -9.07 5.91 5.81
CA LYS C 128 -9.47 4.55 5.46
C LYS C 128 -10.09 4.50 4.07
N THR C 129 -11.05 5.40 3.80
CA THR C 129 -11.71 5.39 2.50
C THR C 129 -10.74 5.75 1.39
N THR C 130 -9.80 6.66 1.67
CA THR C 130 -8.80 7.02 0.65
C THR C 130 -7.89 5.84 0.35
N ARG C 131 -7.44 5.13 1.38
CA ARG C 131 -6.64 3.92 1.17
C ARG C 131 -7.41 2.91 0.33
N LEU C 132 -8.70 2.74 0.63
CA LEU C 132 -9.50 1.78 -0.12
C LEU C 132 -9.64 2.19 -1.58
N LEU C 133 -9.91 3.48 -1.83
CA LEU C 133 -10.03 3.96 -3.20
C LEU C 133 -8.73 3.78 -3.97
N ASP C 134 -7.59 4.07 -3.32
CA ASP C 134 -6.30 3.87 -3.97
C ASP C 134 -6.04 2.39 -4.24
N GLU C 135 -6.47 1.51 -3.32
CA GLU C 135 -6.34 0.08 -3.55
C GLU C 135 -7.14 -0.35 -4.76
N ILE C 136 -8.37 0.14 -4.89
CA ILE C 136 -9.20 -0.21 -6.04
C ILE C 136 -8.57 0.32 -7.32
N TYR C 137 -8.00 1.52 -7.27
CA TYR C 137 -7.33 2.09 -8.45
C TYR C 137 -6.14 1.24 -8.87
N GLU C 138 -5.34 0.80 -7.89
CA GLU C 138 -4.19 -0.04 -8.22
C GLU C 138 -4.61 -1.41 -8.73
N LYS C 139 -5.71 -1.96 -8.20
CA LYS C 139 -6.23 -3.21 -8.74
C LYS C 139 -6.69 -3.04 -10.19
N LEU C 140 -7.34 -1.91 -10.48
CA LEU C 140 -7.68 -1.59 -11.86
C LEU C 140 -6.41 -1.51 -12.71
N GLU C 141 -5.34 -0.94 -12.16
CA GLU C 141 -4.07 -0.93 -12.87
C GLU C 141 -3.57 -2.34 -13.15
N SER C 142 -3.84 -3.28 -12.24
CA SER C 142 -3.45 -4.66 -12.48
C SER C 142 -4.33 -5.35 -13.52
N LEU C 143 -5.35 -4.68 -14.03
CA LEU C 143 -6.22 -5.22 -15.08
C LEU C 143 -6.02 -4.37 -16.35
N SER C 144 -4.92 -4.62 -17.05
CA SER C 144 -4.62 -3.88 -18.27
C SER C 144 -5.27 -4.51 -19.49
N GLU D 4 18.98 -15.26 -1.18
CA GLU D 4 19.85 -14.09 -1.12
C GLU D 4 19.56 -13.28 0.14
N PHE D 5 19.88 -12.00 0.11
CA PHE D 5 19.58 -11.11 1.23
C PHE D 5 18.07 -10.91 1.39
N LEU D 6 17.28 -11.22 0.35
CA LEU D 6 15.84 -11.04 0.42
C LEU D 6 15.24 -11.84 1.56
N GLU D 7 15.77 -13.04 1.81
CA GLU D 7 15.23 -13.88 2.87
C GLU D 7 15.48 -13.27 4.25
N ARG D 8 16.72 -12.85 4.51
CA ARG D 8 17.03 -12.22 5.79
C ARG D 8 16.29 -10.90 5.96
N ALA D 9 16.10 -10.15 4.89
CA ALA D 9 15.36 -8.90 4.99
C ALA D 9 13.89 -9.14 5.25
N ARG D 10 13.32 -10.18 4.63
CA ARG D 10 11.94 -10.55 4.93
C ARG D 10 11.78 -10.98 6.38
N GLN D 11 12.75 -11.75 6.89
CA GLN D 11 12.71 -12.16 8.29
C GLN D 11 12.81 -10.94 9.20
N TYR D 12 13.70 -10.00 8.87
CA TYR D 12 13.85 -8.81 9.71
C TYR D 12 12.56 -8.00 9.72
N LEU D 13 11.92 -7.84 8.56
CA LEU D 13 10.68 -7.09 8.50
C LEU D 13 9.57 -7.79 9.27
N GLU D 14 9.48 -9.12 9.15
CA GLU D 14 8.44 -9.84 9.87
C GLU D 14 8.64 -9.75 11.37
N GLU D 15 9.87 -9.94 11.83
CA GLU D 15 10.13 -9.83 13.27
C GLU D 15 9.95 -8.40 13.76
N ALA D 16 10.25 -7.40 12.92
CA ALA D 16 10.07 -6.02 13.33
C ALA D 16 8.59 -5.67 13.47
N ARG D 17 7.77 -6.11 12.52
CA ARG D 17 6.33 -5.90 12.65
C ARG D 17 5.77 -6.67 13.84
N ARG D 18 6.25 -7.90 14.04
CA ARG D 18 5.78 -8.70 15.17
C ARG D 18 6.23 -8.11 16.50
N ASP D 19 7.33 -7.35 16.51
CA ASP D 19 7.89 -6.81 17.75
C ASP D 19 7.77 -5.29 17.84
N LEU D 20 6.83 -4.70 17.12
CA LEU D 20 6.64 -3.25 17.18
C LEU D 20 6.28 -2.80 18.60
N THR D 21 5.12 -3.21 19.08
CA THR D 21 4.60 -2.77 20.37
C THR D 21 5.01 -3.67 21.51
N THR D 22 5.95 -4.59 21.29
CA THR D 22 6.33 -5.53 22.34
C THR D 22 7.69 -5.21 22.95
N ARG D 23 8.74 -5.11 22.14
CA ARG D 23 10.09 -4.98 22.67
C ARG D 23 10.96 -4.25 21.64
N PRO D 24 12.07 -3.66 22.08
CA PRO D 24 12.98 -3.02 21.13
C PRO D 24 13.66 -4.03 20.23
N TYR D 25 14.27 -3.53 19.16
CA TYR D 25 14.98 -4.38 18.21
C TYR D 25 15.88 -3.52 17.33
N TYR D 26 16.83 -4.20 16.69
CA TYR D 26 17.74 -3.57 15.74
C TYR D 26 18.00 -4.55 14.61
N TYR D 27 17.86 -4.08 13.36
CA TYR D 27 18.11 -4.88 12.18
C TYR D 27 18.80 -4.03 11.13
N TYR D 28 19.82 -4.60 10.50
CA TYR D 28 20.46 -3.97 9.34
C TYR D 28 20.96 -5.06 8.41
N VAL D 29 20.73 -4.88 7.12
CA VAL D 29 21.21 -5.85 6.13
C VAL D 29 21.50 -5.13 4.82
N GLY D 30 22.68 -5.40 4.27
CA GLY D 30 23.08 -4.81 3.01
C GLY D 30 23.66 -5.80 2.02
N SER D 31 23.37 -5.61 0.74
CA SER D 31 23.86 -6.48 -0.33
C SER D 31 24.35 -5.62 -1.48
N ASP D 32 25.55 -5.92 -1.99
CA ASP D 32 26.12 -5.17 -3.10
C ASP D 32 25.72 -5.82 -4.42
N SER D 33 26.34 -5.37 -5.52
CA SER D 33 26.02 -5.93 -6.82
C SER D 33 26.44 -7.39 -6.94
N ASP D 34 27.53 -7.76 -6.27
CA ASP D 34 28.04 -9.13 -6.32
C ASP D 34 27.18 -10.11 -5.53
N GLY D 35 26.23 -9.63 -4.74
CA GLY D 35 25.44 -10.48 -3.87
C GLY D 35 26.00 -10.66 -2.48
N THR D 36 27.18 -10.11 -2.20
CA THR D 36 27.76 -10.21 -0.87
C THR D 36 26.93 -9.40 0.12
N THR D 37 26.57 -10.03 1.23
CA THR D 37 25.67 -9.43 2.21
C THR D 37 26.35 -9.30 3.56
N ARG D 38 26.09 -8.18 4.22
CA ARG D 38 26.55 -7.91 5.57
C ARG D 38 25.35 -7.60 6.46
N GLU D 39 25.33 -8.20 7.65
CA GLU D 39 24.21 -8.09 8.56
C GLU D 39 24.65 -7.41 9.85
N ALA D 40 23.67 -6.95 10.61
CA ALA D 40 23.91 -6.35 11.92
C ALA D 40 22.65 -6.46 12.74
N ARG D 41 22.74 -7.09 13.91
CA ARG D 41 21.60 -7.26 14.79
C ARG D 41 21.63 -6.33 16.00
N SER D 42 22.77 -5.73 16.29
CA SER D 42 22.91 -4.79 17.40
C SER D 42 23.55 -3.52 16.89
N ARG D 43 23.39 -2.44 17.68
CA ARG D 43 24.01 -1.16 17.32
C ARG D 43 25.52 -1.26 17.22
N GLU D 44 26.14 -2.22 17.92
CA GLU D 44 27.58 -2.38 17.84
C GLU D 44 28.00 -3.12 16.56
N GLU D 45 27.20 -4.10 16.14
CA GLU D 45 27.49 -4.80 14.90
C GLU D 45 27.47 -3.86 13.70
N TYR D 46 26.60 -2.86 13.72
CA TYR D 46 26.57 -1.85 12.66
C TYR D 46 27.55 -0.72 12.89
N ALA D 47 27.81 -0.37 14.16
CA ALA D 47 28.76 0.70 14.47
C ALA D 47 30.18 0.34 14.09
N LYS D 48 30.45 -0.92 13.79
CA LYS D 48 31.73 -1.30 13.21
C LYS D 48 31.96 -0.51 11.95
N PRO D 49 33.00 0.33 11.87
CA PRO D 49 33.19 1.19 10.69
C PRO D 49 33.33 0.40 9.39
N GLU D 50 33.66 -0.88 9.44
CA GLU D 50 33.82 -1.67 8.23
C GLU D 50 32.53 -1.74 7.43
N THR D 51 31.39 -1.81 8.11
CA THR D 51 30.10 -1.83 7.43
C THR D 51 29.59 -0.43 7.11
N GLN D 52 29.93 0.56 7.92
CA GLN D 52 29.57 1.94 7.60
C GLN D 52 30.30 2.41 6.35
N GLU D 53 31.48 1.87 6.08
CA GLU D 53 32.16 2.14 4.82
C GLU D 53 31.31 1.70 3.63
N PHE D 54 30.75 0.49 3.71
CA PHE D 54 29.89 -0.01 2.64
C PHE D 54 28.61 0.81 2.52
N GLU D 55 28.05 1.21 3.66
CA GLU D 55 26.84 2.04 3.64
C GLU D 55 27.12 3.38 2.94
N LYS D 56 28.20 4.04 3.31
CA LYS D 56 28.56 5.30 2.65
C LYS D 56 28.94 5.07 1.19
N ARG D 57 29.45 3.89 0.86
CA ARG D 57 29.70 3.55 -0.54
C ARG D 57 28.39 3.50 -1.33
N VAL D 58 27.37 2.87 -0.77
CA VAL D 58 26.06 2.83 -1.42
C VAL D 58 25.51 4.24 -1.58
N ARG D 59 25.64 5.07 -0.55
CA ARG D 59 25.16 6.45 -0.63
C ARG D 59 25.91 7.23 -1.70
N SER D 60 27.22 6.99 -1.81
CA SER D 60 28.01 7.64 -2.86
C SER D 60 27.56 7.20 -4.24
N LEU D 61 27.27 5.91 -4.40
CA LEU D 61 26.77 5.43 -5.69
C LEU D 61 25.45 6.10 -6.04
N ILE D 62 24.55 6.24 -5.05
CA ILE D 62 23.28 6.93 -5.28
C ILE D 62 23.52 8.36 -5.74
N GLU D 63 24.37 9.09 -5.01
CA GLU D 63 24.59 10.49 -5.35
C GLU D 63 25.29 10.65 -6.70
N GLU D 64 26.17 9.72 -7.06
CA GLU D 64 26.81 9.79 -8.37
C GLU D 64 25.80 9.54 -9.48
N LEU D 65 24.89 8.59 -9.28
CA LEU D 65 23.85 8.37 -10.27
C LEU D 65 22.92 9.57 -10.38
N LYS D 66 22.70 10.30 -9.29
CA LYS D 66 21.88 11.50 -9.34
C LYS D 66 22.55 12.58 -10.19
N ASN D 67 23.77 12.96 -9.83
CA ASN D 67 24.53 13.98 -10.54
C ASN D 67 25.52 13.28 -11.46
N SER D 68 25.09 13.03 -12.70
CA SER D 68 25.90 12.32 -13.68
C SER D 68 25.80 13.02 -15.03
N GLU D 69 26.78 12.74 -15.89
CA GLU D 69 26.73 13.23 -17.26
C GLU D 69 25.55 12.62 -17.99
N ASP D 70 25.64 11.32 -18.28
CA ASP D 70 24.56 10.58 -18.92
C ASP D 70 24.56 9.15 -18.40
N LYS D 71 23.37 8.60 -18.17
CA LYS D 71 23.21 7.24 -17.68
C LYS D 71 22.14 6.54 -18.51
N GLU D 72 22.51 5.47 -19.19
CA GLU D 72 21.59 4.81 -20.11
C GLU D 72 20.41 4.18 -19.40
N ASN D 73 20.60 3.70 -18.18
CA ASN D 73 19.53 3.03 -17.44
C ASN D 73 19.94 2.95 -15.98
N TYR D 74 19.22 3.66 -15.12
CA TYR D 74 19.44 3.53 -13.69
C TYR D 74 18.13 3.85 -12.98
N GLU D 75 17.77 3.00 -12.02
CA GLU D 75 16.54 3.16 -11.24
C GLU D 75 16.92 3.14 -9.76
N ILE D 76 16.46 4.15 -9.02
CA ILE D 76 16.82 4.33 -7.62
C ILE D 76 15.55 4.57 -6.82
N TYR D 77 15.38 3.83 -5.72
CA TYR D 77 14.29 4.07 -4.79
C TYR D 77 14.84 4.13 -3.38
N GLU D 78 14.35 5.09 -2.60
CA GLU D 78 14.81 5.31 -1.24
C GLU D 78 13.67 5.85 -0.41
N THR D 79 13.50 5.29 0.78
CA THR D 79 12.51 5.77 1.74
C THR D 79 13.15 5.78 3.13
N ASP D 80 12.86 6.85 3.89
CA ASP D 80 13.45 7.07 5.19
C ASP D 80 12.39 7.65 6.12
N TYR D 81 12.36 7.16 7.35
CA TYR D 81 11.42 7.65 8.36
C TYR D 81 12.09 7.56 9.73
N SER D 82 11.93 8.61 10.53
CA SER D 82 12.60 8.71 11.83
C SER D 82 11.68 9.42 12.80
N TRP D 83 11.16 8.69 13.78
CA TRP D 83 10.36 9.27 14.84
C TRP D 83 11.16 9.12 16.13
N THR D 84 11.72 10.23 16.61
CA THR D 84 12.51 10.26 17.83
C THR D 84 11.84 11.25 18.77
N GLU D 85 11.04 10.74 19.71
CA GLU D 85 10.30 11.62 20.60
C GLU D 85 11.22 12.31 21.60
N THR D 86 12.20 11.59 22.11
CA THR D 86 13.16 12.17 23.05
C THR D 86 14.52 11.50 22.93
N ARG D 92 13.09 7.42 23.31
CA ARG D 92 12.20 6.69 22.41
C ARG D 92 12.51 7.05 20.95
N THR D 93 13.16 6.12 20.25
CA THR D 93 13.65 6.34 18.90
C THR D 93 13.21 5.19 18.00
N HIS D 94 12.72 5.52 16.80
CA HIS D 94 12.38 4.52 15.80
C HIS D 94 12.83 5.03 14.44
N HIS D 95 13.45 4.14 13.65
CA HIS D 95 14.08 4.53 12.40
C HIS D 95 13.89 3.40 11.38
N ILE D 96 13.48 3.77 10.18
CA ILE D 96 13.27 2.84 9.08
C ILE D 96 13.91 3.42 7.84
N TYR D 97 14.73 2.63 7.15
CA TYR D 97 15.37 3.07 5.91
C TYR D 97 15.42 1.91 4.94
N PHE D 98 15.03 2.17 3.70
CA PHE D 98 15.08 1.18 2.63
C PHE D 98 15.53 1.86 1.35
N ALA D 99 16.27 1.13 0.53
CA ALA D 99 16.80 1.70 -0.70
C ALA D 99 17.26 0.58 -1.63
N TYR D 100 16.86 0.65 -2.89
CA TYR D 100 17.38 -0.25 -3.91
C TYR D 100 17.82 0.55 -5.13
N VAL D 101 18.87 0.06 -5.78
CA VAL D 101 19.50 0.73 -6.91
C VAL D 101 19.67 -0.29 -8.04
N LYS D 102 19.20 0.07 -9.23
CA LYS D 102 19.41 -0.71 -10.44
C LYS D 102 20.35 0.04 -11.36
N LYS D 103 20.92 -0.70 -12.31
CA LYS D 103 21.76 -0.14 -13.36
C LYS D 103 21.70 -1.07 -14.54
N ASP D 104 21.18 -0.58 -15.67
CA ASP D 104 21.00 -1.37 -16.89
C ASP D 104 20.21 -2.66 -16.61
N GLY D 105 19.28 -2.59 -15.66
CA GLY D 105 18.45 -3.72 -15.32
C GLY D 105 19.06 -4.69 -14.34
N LYS D 106 20.22 -4.39 -13.77
CA LYS D 106 20.88 -5.27 -12.81
C LYS D 106 20.96 -4.58 -11.45
N LEU D 107 20.63 -5.29 -10.39
CA LEU D 107 20.68 -4.73 -9.05
C LEU D 107 22.13 -4.46 -8.65
N GLU D 108 22.41 -3.23 -8.22
CA GLU D 108 23.75 -2.85 -7.79
C GLU D 108 23.87 -2.69 -6.28
N ALA D 109 22.77 -2.45 -5.56
CA ALA D 109 22.82 -2.26 -4.12
C ALA D 109 21.42 -2.41 -3.55
N LEU D 110 21.33 -3.02 -2.37
CA LEU D 110 20.10 -3.07 -1.60
C LEU D 110 20.46 -2.93 -0.12
N LEU D 111 19.67 -2.16 0.61
CA LEU D 111 20.02 -1.79 1.98
C LEU D 111 18.75 -1.61 2.80
N LEU D 112 18.75 -2.17 4.01
CA LEU D 112 17.60 -2.08 4.89
C LEU D 112 18.06 -1.87 6.32
N ARG D 113 17.43 -0.92 7.00
CA ARG D 113 17.71 -0.61 8.40
C ARG D 113 16.38 -0.44 9.14
N ILE D 114 16.26 -1.11 10.29
CA ILE D 114 15.05 -1.03 11.12
C ILE D 114 15.50 -0.91 12.57
N GLU D 115 15.18 0.20 13.21
CA GLU D 115 15.58 0.45 14.59
C GLU D 115 14.36 0.75 15.45
N SER D 116 14.37 0.24 16.67
CA SER D 116 13.32 0.55 17.64
C SER D 116 13.93 0.45 19.03
N SER D 117 14.07 1.58 19.71
CA SER D 117 14.63 1.61 21.05
C SER D 117 13.66 1.08 22.09
N GLY D 118 12.39 0.89 21.74
CA GLY D 118 11.41 0.36 22.66
C GLY D 118 10.06 0.21 21.99
N PRO D 119 9.12 -0.42 22.69
CA PRO D 119 7.77 -0.60 22.12
C PRO D 119 7.08 0.73 21.91
N LEU D 120 6.07 0.71 21.03
CA LEU D 120 5.30 1.89 20.71
C LEU D 120 3.96 1.85 21.43
N THR D 121 3.48 3.01 21.86
CA THR D 121 2.21 3.13 22.54
C THR D 121 1.20 3.99 21.80
N ASP D 122 1.63 4.79 20.83
CA ASP D 122 0.72 5.64 20.05
C ASP D 122 0.21 4.84 18.86
N GLU D 123 -1.08 4.49 18.88
CA GLU D 123 -1.64 3.64 17.84
C GLU D 123 -1.56 4.30 16.46
N GLU D 124 -1.66 5.64 16.40
CA GLU D 124 -1.52 6.33 15.13
C GLU D 124 -0.14 6.11 14.52
N THR D 125 0.89 6.02 15.34
CA THR D 125 2.23 5.69 14.85
C THR D 125 2.37 4.20 14.58
N ILE D 126 1.71 3.35 15.36
CA ILE D 126 1.80 1.91 15.17
C ILE D 126 1.25 1.52 13.81
N GLU D 127 0.08 2.06 13.45
CA GLU D 127 -0.53 1.73 12.17
C GLU D 127 0.33 2.22 11.01
N LYS D 128 0.89 3.43 11.12
CA LYS D 128 1.72 3.96 10.05
C LYS D 128 3.00 3.15 9.88
N THR D 129 3.62 2.75 11.00
CA THR D 129 4.84 1.95 10.91
C THR D 129 4.55 0.56 10.36
N THR D 130 3.42 -0.04 10.75
CA THR D 130 3.01 -1.32 10.16
C THR D 130 2.84 -1.18 8.65
N ARG D 131 2.16 -0.12 8.22
CA ARG D 131 1.95 0.11 6.79
C ARG D 131 3.28 0.27 6.07
N LEU D 132 4.22 1.01 6.66
CA LEU D 132 5.52 1.19 6.00
C LEU D 132 6.28 -0.12 5.89
N LEU D 133 6.29 -0.92 6.96
CA LEU D 133 6.96 -2.21 6.93
C LEU D 133 6.33 -3.12 5.88
N ASP D 134 5.00 -3.09 5.78
CA ASP D 134 4.31 -3.92 4.79
C ASP D 134 4.63 -3.45 3.37
N GLU D 135 4.70 -2.14 3.15
CA GLU D 135 5.08 -1.64 1.83
C GLU D 135 6.48 -2.08 1.46
N ILE D 136 7.42 -2.04 2.43
CA ILE D 136 8.78 -2.50 2.16
C ILE D 136 8.78 -3.98 1.84
N TYR D 137 8.01 -4.77 2.60
CA TYR D 137 7.92 -6.21 2.33
C TYR D 137 7.40 -6.49 0.93
N GLU D 138 6.37 -5.74 0.51
CA GLU D 138 5.77 -5.97 -0.80
C GLU D 138 6.71 -5.54 -1.93
N LYS D 139 7.35 -4.38 -1.79
CA LYS D 139 8.33 -3.96 -2.80
C LYS D 139 9.50 -4.92 -2.86
N LEU D 140 9.85 -5.55 -1.74
CA LEU D 140 10.93 -6.54 -1.77
C LEU D 140 10.48 -7.82 -2.47
N GLU D 141 9.24 -8.24 -2.23
CA GLU D 141 8.71 -9.41 -2.94
C GLU D 141 8.60 -9.14 -4.44
N SER D 142 8.36 -7.89 -4.84
CA SER D 142 8.28 -7.58 -6.26
C SER D 142 9.64 -7.65 -6.94
N LEU D 143 10.72 -7.43 -6.18
CA LEU D 143 12.08 -7.46 -6.73
C LEU D 143 12.61 -8.87 -6.96
N SER D 144 11.86 -9.90 -6.57
CA SER D 144 12.29 -11.28 -6.78
C SER D 144 12.06 -11.71 -8.22
#